data_3S6F
#
_entry.id   3S6F
#
_cell.length_a   75.168
_cell.length_b   102.524
_cell.length_c   51.511
_cell.angle_alpha   90.000
_cell.angle_beta   90.000
_cell.angle_gamma   90.000
#
_symmetry.space_group_name_H-M   'C 2 2 21'
#
loop_
_entity.id
_entity.type
_entity.pdbx_description
1 polymer 'Hypothetical acetyltransferase'
2 non-polymer 'COENZYME A'
3 non-polymer 'CALCIUM ION'
4 water water
#
_entity_poly.entity_id   1
_entity_poly.type   'polypeptide(L)'
_entity_poly.pdbx_seq_one_letter_code
;G(MSE)TQRSLADIQFQTTLEGVTPAQLGGFFEGWPNPPTPETLWRILDRAAVFVLARTPDGQVIGFVNALSDGILAASI
PLLEVQAGWRSLGLGSEL(MSE)RRVLTELGDLY(MSE)VDLSCDDDVVPFYERLGLKRANA(MSE)FLRRYDNQAGIPA
E
;
_entity_poly.pdbx_strand_id   A
#
# COMPACT_ATOMS: atom_id res chain seq x y z
N THR A 3 -8.69 17.84 12.05
CA THR A 3 -9.10 16.49 12.55
C THR A 3 -10.28 15.85 11.78
N GLN A 4 -11.34 16.61 11.50
CA GLN A 4 -12.49 16.07 10.80
C GLN A 4 -12.10 15.58 9.39
N ARG A 5 -12.66 14.41 9.02
CA ARG A 5 -12.38 13.75 7.72
CA ARG A 5 -12.37 13.78 7.72
C ARG A 5 -13.61 13.07 7.23
N SER A 6 -13.71 12.92 5.92
CA SER A 6 -14.69 12.00 5.33
C SER A 6 -14.11 11.29 4.13
N LEU A 7 -14.40 9.99 3.97
CA LEU A 7 -13.97 9.29 2.77
C LEU A 7 -14.82 9.67 1.59
N ALA A 8 -15.88 10.44 1.79
CA ALA A 8 -16.79 10.65 0.69
C ALA A 8 -16.15 11.28 -0.53
N ASP A 9 -15.17 12.16 -0.41
N ASP A 9 -15.13 12.09 -0.31
CA ASP A 9 -14.45 12.69 -1.61
CA ASP A 9 -14.43 12.78 -1.36
C ASP A 9 -12.98 12.14 -1.64
C ASP A 9 -13.31 11.95 -2.03
N ILE A 10 -12.86 10.86 -1.37
CA ILE A 10 -11.64 10.13 -1.74
C ILE A 10 -11.96 9.42 -3.01
N GLN A 11 -11.04 9.54 -3.95
CA GLN A 11 -11.09 8.83 -5.21
C GLN A 11 -9.95 7.85 -5.32
N PHE A 12 -10.18 6.78 -6.08
CA PHE A 12 -9.18 5.72 -6.24
C PHE A 12 -8.77 5.62 -7.68
N GLN A 13 -7.51 5.25 -7.92
CA GLN A 13 -7.02 4.99 -9.24
C GLN A 13 -5.91 3.94 -9.19
N THR A 14 -5.68 3.33 -10.34
CA THR A 14 -4.73 2.24 -10.48
C THR A 14 -3.67 2.52 -11.53
N THR A 15 -3.50 3.80 -11.88
CA THR A 15 -2.45 4.26 -12.77
C THR A 15 -1.77 5.46 -12.12
N LEU A 16 -0.64 5.86 -12.69
CA LEU A 16 0.06 7.06 -12.29
C LEU A 16 -0.35 8.28 -13.12
N GLU A 17 -1.38 8.16 -13.98
CA GLU A 17 -1.81 9.32 -14.77
C GLU A 17 -2.30 10.41 -13.82
N GLY A 18 -1.74 11.60 -13.96
CA GLY A 18 -2.15 12.70 -13.11
C GLY A 18 -1.53 12.70 -11.72
N VAL A 19 -0.56 11.81 -11.46
CA VAL A 19 0.10 11.74 -10.16
C VAL A 19 1.56 12.12 -10.33
N THR A 20 1.98 13.15 -9.59
CA THR A 20 3.36 13.55 -9.59
C THR A 20 4.06 13.08 -8.31
N PRO A 21 5.40 13.10 -8.30
CA PRO A 21 6.10 12.84 -7.03
C PRO A 21 5.71 13.82 -5.92
N ALA A 22 5.40 15.05 -6.30
CA ALA A 22 4.93 16.07 -5.33
C ALA A 22 3.65 15.70 -4.63
N GLN A 23 2.89 14.76 -5.18
CA GLN A 23 1.65 14.25 -4.63
C GLN A 23 1.81 12.95 -3.86
N LEU A 24 3.03 12.43 -3.77
CA LEU A 24 3.37 11.17 -3.12
C LEU A 24 4.19 11.38 -1.85
N GLY A 25 4.25 12.60 -1.33
CA GLY A 25 4.87 12.84 -0.07
C GLY A 25 4.02 12.39 1.10
N GLY A 26 4.67 12.18 2.25
CA GLY A 26 4.00 11.82 3.50
C GLY A 26 3.90 10.36 3.88
N PHE A 27 4.55 9.48 3.09
CA PHE A 27 4.53 8.05 3.36
C PHE A 27 5.81 7.64 4.08
N PHE A 28 5.85 6.36 4.40
CA PHE A 28 6.97 5.73 5.12
C PHE A 28 7.13 6.31 6.50
N GLU A 29 6.02 6.49 7.19
CA GLU A 29 6.02 6.98 8.56
CA GLU A 29 6.02 6.95 8.56
C GLU A 29 6.82 5.99 9.40
N GLY A 30 7.77 6.48 10.18
CA GLY A 30 8.56 5.61 11.05
C GLY A 30 9.76 4.95 10.39
N TRP A 31 9.96 5.13 9.09
CA TRP A 31 11.11 4.52 8.44
C TRP A 31 12.34 5.37 8.67
N PRO A 32 13.46 4.77 9.09
CA PRO A 32 14.65 5.58 9.28
C PRO A 32 15.27 6.20 8.02
N ASN A 33 15.17 5.51 6.88
CA ASN A 33 15.78 5.99 5.65
C ASN A 33 14.86 5.66 4.50
N PRO A 34 13.75 6.39 4.38
CA PRO A 34 12.68 6.09 3.48
C PRO A 34 12.99 6.36 2.01
N PRO A 35 12.36 5.62 1.08
CA PRO A 35 12.31 6.10 -0.30
C PRO A 35 11.75 7.51 -0.35
N THR A 36 12.34 8.31 -1.21
CA THR A 36 11.80 9.63 -1.53
C THR A 36 10.47 9.50 -2.28
N PRO A 37 9.73 10.60 -2.43
CA PRO A 37 8.50 10.54 -3.24
C PRO A 37 8.79 10.17 -4.69
N GLU A 38 9.92 10.63 -5.22
CA GLU A 38 10.34 10.26 -6.57
C GLU A 38 10.57 8.76 -6.67
N THR A 39 11.21 8.17 -5.66
CA THR A 39 11.42 6.74 -5.65
C THR A 39 10.10 5.98 -5.51
N LEU A 40 9.20 6.47 -4.66
CA LEU A 40 7.89 5.86 -4.56
C LEU A 40 7.17 5.82 -5.90
N TRP A 41 7.26 6.92 -6.65
CA TRP A 41 6.66 6.95 -7.98
C TRP A 41 7.22 5.79 -8.83
N ARG A 42 8.55 5.61 -8.80
N ARG A 42 8.55 5.64 -8.78
CA ARG A 42 9.17 4.51 -9.56
CA ARG A 42 9.25 4.55 -9.49
C ARG A 42 8.75 3.12 -9.05
C ARG A 42 8.79 3.16 -9.04
N ILE A 43 8.65 2.98 -7.73
CA ILE A 43 8.16 1.73 -7.14
C ILE A 43 6.77 1.38 -7.68
N LEU A 44 5.90 2.37 -7.67
CA LEU A 44 4.57 2.15 -8.19
C LEU A 44 4.59 1.80 -9.66
N ASP A 45 5.42 2.50 -10.44
CA ASP A 45 5.54 2.25 -11.86
C ASP A 45 6.04 0.85 -12.16
N ARG A 46 6.82 0.26 -11.26
CA ARG A 46 7.36 -1.10 -11.45
CA ARG A 46 7.34 -1.08 -11.49
C ARG A 46 6.51 -2.19 -10.85
N ALA A 47 5.51 -1.85 -10.03
CA ALA A 47 4.59 -2.81 -9.45
C ALA A 47 3.84 -3.54 -10.57
N ALA A 48 3.37 -4.75 -10.31
CA ALA A 48 2.40 -5.36 -11.23
C ALA A 48 1.13 -4.54 -11.27
N VAL A 49 0.57 -4.25 -10.10
CA VAL A 49 -0.64 -3.44 -9.94
C VAL A 49 -0.50 -2.65 -8.65
N PHE A 50 -1.29 -1.61 -8.53
CA PHE A 50 -1.34 -0.80 -7.32
C PHE A 50 -2.67 -0.06 -7.27
N VAL A 51 -2.99 0.44 -6.07
CA VAL A 51 -4.17 1.29 -5.90
C VAL A 51 -3.78 2.50 -5.08
N LEU A 52 -4.18 3.68 -5.53
CA LEU A 52 -4.00 4.95 -4.84
C LEU A 52 -5.34 5.51 -4.40
N ALA A 53 -5.33 6.11 -3.21
CA ALA A 53 -6.46 6.87 -2.67
C ALA A 53 -6.04 8.32 -2.61
N ARG A 54 -6.82 9.20 -3.24
CA ARG A 54 -6.46 10.60 -3.43
C ARG A 54 -7.57 11.52 -2.92
N THR A 55 -7.16 12.62 -2.32
CA THR A 55 -8.09 13.72 -2.02
C THR A 55 -8.32 14.54 -3.32
N PRO A 56 -9.32 15.45 -3.30
CA PRO A 56 -9.65 16.19 -4.50
C PRO A 56 -8.52 17.02 -5.08
N ASP A 57 -7.61 17.51 -4.24
CA ASP A 57 -6.46 18.25 -4.70
C ASP A 57 -5.37 17.39 -5.35
N GLY A 58 -5.54 16.06 -5.37
CA GLY A 58 -4.63 15.17 -6.00
C GLY A 58 -3.59 14.55 -5.09
N GLN A 59 -3.49 15.00 -3.83
CA GLN A 59 -2.60 14.34 -2.90
C GLN A 59 -2.99 12.89 -2.73
N VAL A 60 -1.99 12.00 -2.75
CA VAL A 60 -2.19 10.59 -2.45
C VAL A 60 -2.14 10.43 -0.93
N ILE A 61 -3.25 9.93 -0.37
N ILE A 61 -3.19 9.93 -0.30
CA ILE A 61 -3.47 9.75 1.08
CA ILE A 61 -3.17 9.76 1.14
C ILE A 61 -3.34 8.30 1.55
C ILE A 61 -3.19 8.30 1.57
N GLY A 62 -3.28 7.37 0.60
CA GLY A 62 -3.11 5.95 0.90
C GLY A 62 -2.69 5.24 -0.34
N PHE A 63 -1.95 4.15 -0.20
CA PHE A 63 -1.58 3.34 -1.37
C PHE A 63 -1.34 1.93 -0.93
N VAL A 64 -1.37 1.04 -1.92
CA VAL A 64 -0.96 -0.36 -1.78
C VAL A 64 -0.37 -0.77 -3.11
N ASN A 65 0.68 -1.59 -3.07
CA ASN A 65 1.24 -2.14 -4.30
C ASN A 65 1.27 -3.65 -4.25
N ALA A 66 1.55 -4.27 -5.41
CA ALA A 66 1.60 -5.72 -5.49
C ALA A 66 2.57 -6.13 -6.59
N LEU A 67 3.24 -7.23 -6.33
CA LEU A 67 4.05 -7.98 -7.31
C LEU A 67 3.21 -9.16 -7.75
N SER A 68 3.34 -9.60 -9.00
CA SER A 68 2.53 -10.71 -9.48
C SER A 68 3.16 -11.33 -10.72
N ASP A 69 2.90 -12.63 -10.94
CA ASP A 69 3.19 -13.26 -12.22
C ASP A 69 1.94 -13.42 -13.09
N GLY A 70 0.78 -13.03 -12.57
CA GLY A 70 -0.44 -13.11 -13.34
C GLY A 70 -0.97 -14.49 -13.60
N ILE A 71 -0.32 -15.50 -13.04
CA ILE A 71 -0.69 -16.89 -13.31
C ILE A 71 -0.94 -17.67 -12.04
N LEU A 72 -0.07 -17.53 -11.05
CA LEU A 72 -0.16 -18.34 -9.83
C LEU A 72 0.01 -17.54 -8.55
N ALA A 73 0.83 -16.47 -8.54
CA ALA A 73 1.24 -15.86 -7.31
C ALA A 73 1.40 -14.35 -7.34
N ALA A 74 1.09 -13.75 -6.21
CA ALA A 74 1.27 -12.34 -5.99
C ALA A 74 1.68 -12.10 -4.55
N SER A 75 2.35 -10.98 -4.32
N SER A 75 2.31 -10.94 -4.33
CA SER A 75 2.63 -10.54 -2.96
CA SER A 75 2.77 -10.52 -3.02
C SER A 75 2.46 -9.03 -2.84
C SER A 75 2.40 -9.05 -2.87
N ILE A 76 2.19 -8.59 -1.62
CA ILE A 76 1.83 -7.19 -1.33
C ILE A 76 2.91 -6.57 -0.45
N PRO A 77 3.88 -5.86 -1.05
CA PRO A 77 4.97 -5.35 -0.23
C PRO A 77 4.61 -4.24 0.74
N LEU A 78 3.79 -3.30 0.29
CA LEU A 78 3.52 -2.05 1.00
C LEU A 78 2.05 -1.74 1.03
N LEU A 79 1.57 -1.31 2.19
CA LEU A 79 0.22 -0.77 2.40
C LEU A 79 0.37 0.36 3.41
N GLU A 80 -0.11 1.55 3.09
CA GLU A 80 -0.03 2.62 4.05
C GLU A 80 -1.10 3.65 3.78
N VAL A 81 -1.70 4.09 4.88
CA VAL A 81 -2.64 5.21 4.92
C VAL A 81 -2.02 6.25 5.82
N GLN A 82 -2.01 7.50 5.38
CA GLN A 82 -1.43 8.57 6.19
C GLN A 82 -2.20 8.71 7.49
N ALA A 83 -1.44 9.01 8.55
N ALA A 83 -1.53 9.03 8.61
CA ALA A 83 -1.95 9.31 9.87
CA ALA A 83 -2.16 8.85 9.94
C ALA A 83 -2.92 10.42 9.71
C ALA A 83 -3.52 9.55 10.15
N GLY A 84 -4.05 10.25 10.35
N GLY A 84 -3.71 10.76 9.60
CA GLY A 84 -5.15 11.21 10.22
CA GLY A 84 -4.95 11.53 9.79
C GLY A 84 -6.26 10.71 9.31
C GLY A 84 -6.16 10.94 9.10
N TRP A 85 -5.90 9.93 8.29
CA TRP A 85 -6.89 9.28 7.42
C TRP A 85 -7.17 7.85 7.82
N ARG A 86 -6.47 7.33 8.84
CA ARG A 86 -6.67 5.99 9.36
C ARG A 86 -7.98 5.89 10.11
N SER A 87 -8.42 4.65 10.34
CA SER A 87 -9.59 4.37 11.18
C SER A 87 -10.91 4.76 10.53
N LEU A 88 -10.91 4.87 9.20
CA LEU A 88 -12.11 5.13 8.41
C LEU A 88 -12.45 3.99 7.48
N GLY A 89 -11.66 2.92 7.48
CA GLY A 89 -11.82 1.82 6.56
C GLY A 89 -11.02 1.88 5.28
N LEU A 90 -10.18 2.90 5.14
N LEU A 90 -10.19 2.92 5.10
CA LEU A 90 -9.45 3.08 3.88
CA LEU A 90 -9.42 3.06 3.86
C LEU A 90 -8.41 1.96 3.63
C LEU A 90 -8.45 1.91 3.63
N GLY A 91 -7.70 1.54 4.66
CA GLY A 91 -6.74 0.48 4.47
C GLY A 91 -7.39 -0.81 4.00
N SER A 92 -8.52 -1.15 4.62
CA SER A 92 -9.26 -2.34 4.21
C SER A 92 -9.77 -2.20 2.77
N GLU A 93 -10.24 -1.02 2.41
CA GLU A 93 -10.73 -0.77 1.07
C GLU A 93 -9.60 -0.89 0.03
N LEU A 94 -8.42 -0.34 0.35
CA LEU A 94 -7.28 -0.50 -0.53
C LEU A 94 -6.94 -1.96 -0.75
N ARG A 96 -9.00 -4.60 -0.47
CA ARG A 96 -10.01 -5.21 -1.32
C ARG A 96 -9.78 -4.82 -2.79
N ARG A 97 -9.48 -3.54 -3.04
CA ARG A 97 -9.27 -3.09 -4.40
C ARG A 97 -8.03 -3.69 -5.04
N VAL A 98 -6.94 -3.88 -4.30
CA VAL A 98 -5.74 -4.47 -4.93
C VAL A 98 -5.98 -5.95 -5.22
N LEU A 99 -6.76 -6.62 -4.35
CA LEU A 99 -7.08 -8.02 -4.60
C LEU A 99 -7.93 -8.13 -5.87
N THR A 100 -8.83 -7.19 -6.10
CA THR A 100 -9.59 -7.15 -7.35
C THR A 100 -8.65 -6.96 -8.55
N GLU A 101 -7.68 -6.07 -8.44
CA GLU A 101 -6.73 -5.85 -9.56
C GLU A 101 -5.90 -7.07 -9.87
N LEU A 102 -5.54 -7.82 -8.83
CA LEU A 102 -4.72 -9.02 -8.99
C LEU A 102 -5.46 -10.16 -9.64
N GLY A 103 -6.76 -10.25 -9.43
CA GLY A 103 -7.54 -11.37 -9.88
C GLY A 103 -7.43 -12.58 -8.95
N ASP A 104 -8.05 -13.70 -9.35
CA ASP A 104 -8.20 -14.86 -8.45
CA ASP A 104 -8.19 -14.85 -8.40
C ASP A 104 -7.05 -15.84 -8.49
N LEU A 105 -5.84 -15.34 -8.57
CA LEU A 105 -4.57 -16.09 -8.43
CA LEU A 105 -4.74 -16.28 -8.62
C LEU A 105 -4.60 -17.04 -7.31
N TYR A 106 -3.95 -18.18 -7.44
CA TYR A 106 -3.86 -19.14 -6.39
C TYR A 106 -3.30 -18.60 -5.08
N VAL A 108 -1.80 -15.34 -2.77
CA VAL A 108 -1.51 -13.94 -2.45
C VAL A 108 -0.94 -13.95 -1.05
N ASP A 109 0.21 -13.33 -0.87
CA ASP A 109 0.92 -13.39 0.39
C ASP A 109 1.51 -12.04 0.76
N LEU A 110 1.68 -11.81 2.06
CA LEU A 110 2.35 -10.61 2.57
C LEU A 110 2.92 -10.93 3.94
N SER A 111 3.86 -10.10 4.35
N SER A 111 3.84 -10.09 4.39
CA SER A 111 4.51 -10.18 5.67
CA SER A 111 4.47 -10.28 5.70
C SER A 111 4.03 -9.10 6.60
C SER A 111 4.15 -9.12 6.61
N CYS A 112 3.92 -9.41 7.90
CA CYS A 112 3.58 -8.37 8.85
C CYS A 112 4.04 -8.72 10.25
N ASP A 113 3.99 -7.71 11.10
N ASP A 113 4.13 -7.71 11.11
CA ASP A 113 4.29 -7.87 12.51
CA ASP A 113 4.41 -7.94 12.53
C ASP A 113 3.04 -8.32 13.28
C ASP A 113 3.11 -8.27 13.28
N ASP A 114 3.24 -8.73 14.53
CA ASP A 114 2.12 -9.24 15.29
C ASP A 114 0.95 -8.25 15.46
N ASP A 115 1.26 -6.98 15.60
CA ASP A 115 0.24 -5.97 15.93
CA ASP A 115 0.23 -5.99 15.96
C ASP A 115 -0.85 -5.81 14.87
N VAL A 116 -0.51 -6.04 13.58
CA VAL A 116 -1.45 -5.82 12.50
CA VAL A 116 -1.49 -5.85 12.49
C VAL A 116 -2.10 -7.14 12.00
N VAL A 117 -1.76 -8.27 12.62
CA VAL A 117 -2.39 -9.51 12.27
C VAL A 117 -3.92 -9.43 12.25
N PRO A 118 -4.56 -8.83 13.30
CA PRO A 118 -6.02 -8.80 13.26
C PRO A 118 -6.61 -8.01 12.08
N PHE A 119 -5.94 -6.96 11.65
CA PHE A 119 -6.38 -6.20 10.48
C PHE A 119 -6.51 -7.13 9.26
N TYR A 120 -5.50 -7.97 9.08
CA TYR A 120 -5.49 -8.88 7.95
C TYR A 120 -6.44 -10.07 8.13
N GLU A 121 -6.58 -10.57 9.35
CA GLU A 121 -7.51 -11.66 9.60
C GLU A 121 -8.94 -11.22 9.29
N ARG A 122 -9.26 -9.94 9.60
CA ARG A 122 -10.63 -9.49 9.31
CA ARG A 122 -10.62 -9.38 9.33
C ARG A 122 -10.92 -9.38 7.82
N LEU A 123 -9.88 -9.29 7.00
CA LEU A 123 -10.02 -9.32 5.54
C LEU A 123 -10.09 -10.76 4.95
N GLY A 124 -9.98 -11.76 5.81
CA GLY A 124 -10.03 -13.17 5.40
C GLY A 124 -8.71 -13.85 5.21
N LEU A 125 -7.60 -13.17 5.49
CA LEU A 125 -6.29 -13.78 5.32
C LEU A 125 -6.00 -14.71 6.48
N LYS A 126 -5.25 -15.76 6.20
CA LYS A 126 -4.81 -16.71 7.20
C LYS A 126 -3.35 -16.51 7.51
N ARG A 127 -2.85 -17.16 8.54
CA ARG A 127 -1.56 -16.87 9.10
CA ARG A 127 -1.52 -16.86 9.07
C ARG A 127 -0.61 -18.06 8.99
N ALA A 128 0.60 -17.83 8.47
CA ALA A 128 1.67 -18.82 8.44
C ALA A 128 2.98 -18.10 8.79
N ASN A 129 4.13 -18.67 8.43
CA ASN A 129 5.41 -18.04 8.72
C ASN A 129 5.86 -17.22 7.53
N ALA A 130 6.28 -15.98 7.76
CA ALA A 130 6.99 -15.17 6.74
C ALA A 130 8.48 -15.27 7.05
N PHE A 132 12.07 -13.83 5.93
CA PHE A 132 12.45 -12.59 5.28
C PHE A 132 13.87 -12.15 5.50
N LEU A 133 14.31 -11.30 4.58
CA LEU A 133 15.57 -10.57 4.63
C LEU A 133 15.26 -9.08 4.56
N ARG A 134 16.03 -8.26 5.29
CA ARG A 134 16.00 -6.81 5.20
C ARG A 134 17.38 -6.29 4.99
N ARG A 135 17.62 -5.66 3.86
CA ARG A 135 18.88 -5.07 3.53
C ARG A 135 18.80 -3.58 3.79
N TYR A 136 19.03 -3.24 5.05
CA TYR A 136 18.74 -1.91 5.53
C TYR A 136 19.56 -0.84 4.82
N ASP A 137 20.74 -1.17 4.28
CA ASP A 137 21.53 -0.18 3.52
C ASP A 137 20.74 0.36 2.33
N ASN A 138 19.80 -0.43 1.82
CA ASN A 138 19.02 -0.06 0.63
C ASN A 138 17.57 0.21 0.91
N GLN A 139 17.27 0.62 2.14
CA GLN A 139 15.94 0.97 2.53
C GLN A 139 15.28 2.09 1.70
N ALA A 140 16.10 2.99 1.14
CA ALA A 140 15.56 4.09 0.34
C ALA A 140 15.38 3.72 -1.13
N GLY A 141 15.66 2.47 -1.48
CA GLY A 141 15.45 1.96 -2.84
C GLY A 141 16.70 1.91 -3.66
N ILE A 142 16.75 1.00 -4.60
CA ILE A 142 17.84 0.99 -5.60
C ILE A 142 17.69 2.16 -6.55
N PRO A 143 18.76 2.96 -6.74
CA PRO A 143 18.59 4.15 -7.61
C PRO A 143 18.32 3.82 -9.05
N ALA A 144 17.73 4.79 -9.74
CA ALA A 144 17.38 4.73 -11.17
C ALA A 144 18.64 4.59 -12.07
#